data_6KPL
#
_entry.id   6KPL
#
_cell.length_a   105.513
_cell.length_b   105.513
_cell.length_c   63.432
_cell.angle_alpha   90.000
_cell.angle_beta   90.000
_cell.angle_gamma   120.000
#
_symmetry.space_group_name_H-M   'P 65'
#
loop_
_entity.id
_entity.type
_entity.pdbx_description
1 polymer Chitinase
2 non-polymer 'TRIETHYLENE GLYCOL'
3 non-polymer DI(HYDROXYETHYL)ETHER
4 water water
#
_entity_poly.entity_id   1
_entity_poly.type   'polypeptide(L)'
_entity_poly.pdbx_seq_one_letter_code
;MSSSVCPSDNTHATGAALQKILDYKKGDHQIMAGYFRSWRDTASGTGNKVSMLDLPDCLDIAFVFPEGDETASFWTTLKD
TYVPALHGRGIKVVRSVGIAQLINTAWDNTPAGWQGLADALMKTVDDYGLDGLDIDVEQSLNANQLKQATGVFNALAKKL
GPKSGTGKLLIFDTNMDGTQPLWRNVYPTISYVLIQSYGRSISGLQTTYNSFKSYISSKQYLIGFSFYEENGTNWGDTTT
PMTSSRAWQYAKWQPSGATKGGIFSYAIDRDGVAIGDNTLKTTDFTWTRQLIGAMNPHHHHHH
;
_entity_poly.pdbx_strand_id   A
#
# COMPACT_ATOMS: atom_id res chain seq x y z
N SER A 4 -7.95 -16.82 11.86
CA SER A 4 -7.86 -17.61 13.18
C SER A 4 -6.58 -18.46 13.25
N VAL A 5 -5.97 -18.86 12.12
CA VAL A 5 -4.57 -19.40 12.06
C VAL A 5 -3.52 -18.30 12.39
N CYS A 6 -3.93 -17.02 12.47
CA CYS A 6 -3.06 -15.86 12.78
C CYS A 6 -2.80 -15.77 14.28
N PRO A 7 -1.60 -15.32 14.71
CA PRO A 7 -1.27 -15.24 16.13
C PRO A 7 -2.08 -14.16 16.88
N SER A 8 -2.34 -14.37 18.18
CA SER A 8 -3.00 -13.38 19.08
C SER A 8 -1.97 -12.32 19.56
N ASP A 9 -0.68 -12.60 19.35
CA ASP A 9 0.44 -11.65 19.62
C ASP A 9 1.22 -11.51 18.31
N ASN A 10 2.41 -10.91 18.32
CA ASN A 10 3.20 -10.67 17.08
C ASN A 10 4.23 -11.79 16.87
N THR A 11 3.89 -13.04 17.20
CA THR A 11 4.79 -14.19 16.92
C THR A 11 5.07 -14.28 15.42
N HIS A 12 6.32 -14.60 15.06
CA HIS A 12 6.73 -15.00 13.69
C HIS A 12 6.81 -16.52 13.63
N ALA A 13 5.81 -17.16 13.02
CA ALA A 13 5.61 -18.63 13.04
C ALA A 13 6.73 -19.31 12.25
N THR A 14 6.95 -20.62 12.43
CA THR A 14 8.15 -21.28 11.80
C THR A 14 7.85 -22.57 11.04
N GLY A 15 6.82 -23.33 11.36
CA GLY A 15 6.80 -24.70 10.79
C GLY A 15 5.51 -24.98 10.09
N ALA A 16 4.76 -25.95 10.60
CA ALA A 16 3.35 -26.19 10.23
C ALA A 16 2.53 -24.93 10.55
N ALA A 17 2.89 -24.18 11.59
CA ALA A 17 2.11 -22.98 12.01
C ALA A 17 2.29 -21.91 10.92
N LEU A 18 3.49 -21.82 10.36
CA LEU A 18 3.77 -20.87 9.26
C LEU A 18 2.99 -21.33 8.02
N GLN A 19 3.04 -22.63 7.71
CA GLN A 19 2.35 -23.19 6.52
C GLN A 19 0.86 -22.85 6.58
N LYS A 20 0.23 -22.87 7.75
CA LYS A 20 -1.22 -22.57 7.86
C LYS A 20 -1.42 -21.10 7.44
N ILE A 21 -0.48 -20.23 7.80
CA ILE A 21 -0.59 -18.78 7.46
C ILE A 21 -0.39 -18.63 5.95
N LEU A 22 0.62 -19.29 5.36
CA LEU A 22 0.89 -19.24 3.90
C LEU A 22 -0.34 -19.76 3.15
N ASP A 23 -1.00 -20.81 3.66
CA ASP A 23 -2.22 -21.37 3.03
C ASP A 23 -3.36 -20.36 3.15
N TYR A 24 -3.54 -19.75 4.33
CA TYR A 24 -4.58 -18.73 4.60
C TYR A 24 -4.48 -17.66 3.50
N LYS A 25 -3.25 -17.26 3.17
CA LYS A 25 -3.04 -16.11 2.28
C LYS A 25 -3.33 -16.47 0.85
N LYS A 26 -3.22 -17.75 0.49
CA LYS A 26 -3.52 -18.19 -0.89
C LYS A 26 -5.04 -18.31 -1.04
N GLY A 27 -5.78 -18.36 0.08
CA GLY A 27 -7.25 -18.52 0.03
C GLY A 27 -7.97 -17.19 -0.05
N ASP A 28 -9.30 -17.23 -0.21
CA ASP A 28 -10.18 -16.03 -0.22
C ASP A 28 -10.07 -15.41 1.17
N HIS A 29 -9.86 -14.11 1.21
CA HIS A 29 -9.88 -13.31 2.47
C HIS A 29 -9.77 -11.84 2.07
N GLN A 30 -10.25 -10.96 2.92
CA GLN A 30 -10.05 -9.50 2.74
C GLN A 30 -8.61 -9.21 3.12
N ILE A 31 -7.89 -8.44 2.31
CA ILE A 31 -6.45 -8.25 2.55
C ILE A 31 -6.15 -6.99 3.36
N MET A 32 -4.98 -6.99 3.93
CA MET A 32 -4.45 -5.85 4.75
C MET A 32 -3.13 -5.44 4.11
N ALA A 33 -3.01 -4.16 3.82
CA ALA A 33 -1.76 -3.61 3.29
C ALA A 33 -1.31 -2.49 4.22
N GLY A 34 0.00 -2.17 4.19
CA GLY A 34 0.53 -1.08 5.02
C GLY A 34 1.68 -0.38 4.37
N TYR A 35 1.70 0.95 4.46
CA TYR A 35 2.78 1.82 4.02
C TYR A 35 3.79 1.97 5.17
N PHE A 36 4.96 1.40 4.97
CA PHE A 36 6.09 1.46 5.92
C PHE A 36 6.99 2.60 5.44
N ARG A 37 7.02 3.66 6.21
CA ARG A 37 7.82 4.86 5.89
C ARG A 37 9.31 4.51 5.98
N SER A 38 10.04 4.47 4.88
CA SER A 38 11.40 3.88 4.81
C SER A 38 12.36 4.64 5.77
N TRP A 39 12.19 5.94 5.86
CA TRP A 39 13.05 6.84 6.70
C TRP A 39 12.81 6.58 8.18
N ARG A 40 11.80 5.77 8.53
CA ARG A 40 11.54 5.33 9.91
C ARG A 40 12.03 3.94 10.22
N ASP A 41 12.62 3.25 9.27
CA ASP A 41 13.14 1.89 9.47
C ASP A 41 14.47 1.98 10.24
N THR A 42 14.71 1.03 11.12
CA THR A 42 15.94 1.03 11.95
C THR A 42 17.18 0.88 11.08
N ALA A 43 17.05 0.38 9.86
CA ALA A 43 18.17 0.31 8.93
C ALA A 43 18.42 1.64 8.23
N SER A 44 17.67 2.70 8.51
CA SER A 44 17.88 4.03 7.91
C SER A 44 18.27 5.02 9.01
N GLY A 45 19.35 5.75 8.80
CA GLY A 45 19.76 6.85 9.68
C GLY A 45 19.93 6.42 11.14
N THR A 46 19.48 7.24 12.08
CA THR A 46 19.57 6.96 13.53
C THR A 46 18.26 7.34 14.22
N GLY A 47 18.00 6.73 15.38
CA GLY A 47 16.91 7.09 16.30
C GLY A 47 15.61 6.33 16.03
N ASN A 48 15.56 5.53 14.97
CA ASN A 48 14.32 4.78 14.62
C ASN A 48 14.12 3.56 15.53
N LYS A 49 12.89 3.06 15.67
CA LYS A 49 12.58 1.98 16.63
C LYS A 49 12.07 0.72 15.91
N VAL A 50 11.49 0.84 14.71
CA VAL A 50 10.74 -0.27 14.03
C VAL A 50 11.53 -0.73 12.81
N SER A 51 11.51 -2.03 12.57
CA SER A 51 12.16 -2.62 11.39
C SER A 51 11.07 -3.26 10.54
N MET A 52 11.27 -3.30 9.23
CA MET A 52 10.28 -4.02 8.40
C MET A 52 10.30 -5.49 8.82
N LEU A 53 11.38 -5.97 9.42
CA LEU A 53 11.45 -7.39 9.90
C LEU A 53 10.41 -7.66 10.98
N ASP A 54 9.91 -6.64 11.68
CA ASP A 54 8.92 -6.76 12.77
C ASP A 54 7.52 -7.00 12.19
N LEU A 55 7.28 -6.72 10.89
CA LEU A 55 5.89 -6.71 10.35
C LEU A 55 5.21 -8.04 10.63
N PRO A 56 3.89 -8.00 10.88
CA PRO A 56 3.17 -9.21 11.27
C PRO A 56 2.97 -10.25 10.17
N ASP A 57 3.01 -11.53 10.58
CA ASP A 57 2.98 -12.65 9.62
C ASP A 57 1.72 -12.51 8.75
N CYS A 58 0.61 -12.00 9.28
CA CYS A 58 -0.66 -12.07 8.55
C CYS A 58 -0.86 -10.83 7.64
N LEU A 59 0.18 -9.99 7.50
CA LEU A 59 0.10 -8.86 6.54
C LEU A 59 0.09 -9.43 5.11
N ASP A 60 -0.68 -8.86 4.18
CA ASP A 60 -0.66 -9.29 2.74
C ASP A 60 0.36 -8.49 1.93
N ILE A 61 0.39 -7.16 2.07
CA ILE A 61 1.28 -6.30 1.24
C ILE A 61 1.94 -5.23 2.14
N ALA A 62 3.22 -5.15 2.07
CA ALA A 62 4.04 -4.07 2.67
C ALA A 62 4.51 -3.13 1.55
N PHE A 63 4.21 -1.86 1.65
CA PHE A 63 4.70 -0.84 0.71
C PHE A 63 5.96 -0.21 1.29
N VAL A 64 6.98 -0.19 0.47
CA VAL A 64 8.24 0.56 0.67
C VAL A 64 7.99 1.98 0.19
N PHE A 65 7.89 2.90 1.14
CA PHE A 65 7.51 4.29 0.85
C PHE A 65 8.61 5.21 1.35
N PRO A 66 9.54 5.58 0.47
CA PRO A 66 10.63 6.47 0.80
C PRO A 66 10.34 7.94 0.47
N GLU A 67 11.13 8.81 1.08
CA GLU A 67 11.05 10.27 0.82
C GLU A 67 12.31 10.77 0.12
N GLY A 68 13.36 9.97 0.05
CA GLY A 68 14.53 10.25 -0.79
C GLY A 68 15.78 10.66 -0.03
N ASP A 69 15.71 10.74 1.30
CA ASP A 69 16.88 11.04 2.19
C ASP A 69 17.23 9.80 3.03
N GLU A 70 16.79 8.60 2.63
CA GLU A 70 17.15 7.36 3.38
C GLU A 70 18.64 7.10 3.18
N THR A 71 19.29 6.49 4.16
CA THR A 71 20.73 6.11 4.03
C THR A 71 20.81 4.89 3.11
N ALA A 72 21.92 4.74 2.41
CA ALA A 72 22.18 3.59 1.51
C ALA A 72 21.98 2.28 2.25
N SER A 73 22.28 2.22 3.56
CA SER A 73 22.12 1.02 4.42
C SER A 73 20.68 0.47 4.34
N PHE A 74 19.69 1.33 4.22
CA PHE A 74 18.28 0.86 4.15
C PHE A 74 18.10 -0.01 2.90
N TRP A 75 18.57 0.46 1.76
CA TRP A 75 18.35 -0.19 0.45
C TRP A 75 19.11 -1.52 0.40
N THR A 76 20.32 -1.56 0.97
CA THR A 76 21.09 -2.83 1.10
C THR A 76 20.29 -3.82 1.94
N THR A 77 19.80 -3.37 3.07
CA THR A 77 19.07 -4.22 4.00
C THR A 77 17.77 -4.69 3.35
N LEU A 78 17.06 -3.80 2.66
CA LEU A 78 15.80 -4.21 2.00
C LEU A 78 16.10 -5.38 1.03
N LYS A 79 17.08 -5.20 0.18
CA LYS A 79 17.41 -6.20 -0.86
C LYS A 79 17.90 -7.51 -0.24
N ASP A 80 18.82 -7.43 0.73
CA ASP A 80 19.55 -8.65 1.21
C ASP A 80 18.79 -9.38 2.32
N THR A 81 18.02 -8.66 3.15
CA THR A 81 17.44 -9.19 4.39
C THR A 81 15.91 -9.12 4.37
N TYR A 82 15.34 -7.92 4.21
CA TYR A 82 13.90 -7.74 4.41
C TYR A 82 13.09 -8.50 3.36
N VAL A 83 13.40 -8.33 2.08
CA VAL A 83 12.51 -8.91 1.05
C VAL A 83 12.51 -10.44 1.22
N PRO A 84 13.66 -11.14 1.37
CA PRO A 84 13.62 -12.60 1.56
C PRO A 84 12.77 -12.98 2.79
N ALA A 85 12.93 -12.26 3.90
CA ALA A 85 12.27 -12.57 5.18
C ALA A 85 10.77 -12.37 5.03
N LEU A 86 10.35 -11.25 4.40
CA LEU A 86 8.92 -10.99 4.18
C LEU A 86 8.32 -12.01 3.21
N HIS A 87 9.03 -12.33 2.12
CA HIS A 87 8.62 -13.37 1.16
C HIS A 87 8.43 -14.71 1.88
N GLY A 88 9.26 -15.02 2.88
CA GLY A 88 9.12 -16.28 3.66
C GLY A 88 7.86 -16.32 4.49
N ARG A 89 7.28 -15.16 4.80
CA ARG A 89 5.98 -15.03 5.47
C ARG A 89 4.83 -14.83 4.48
N GLY A 90 5.08 -14.93 3.18
CA GLY A 90 4.02 -14.73 2.19
C GLY A 90 3.51 -13.30 2.20
N ILE A 91 4.41 -12.37 2.49
CA ILE A 91 4.05 -10.91 2.45
C ILE A 91 4.63 -10.40 1.14
N LYS A 92 3.82 -9.77 0.30
CA LYS A 92 4.34 -9.11 -0.91
C LYS A 92 4.92 -7.76 -0.54
N VAL A 93 5.94 -7.34 -1.29
CA VAL A 93 6.64 -6.07 -1.03
C VAL A 93 6.57 -5.28 -2.33
N VAL A 94 5.98 -4.08 -2.22
CA VAL A 94 5.71 -3.22 -3.39
C VAL A 94 6.39 -1.86 -3.18
N ARG A 95 7.05 -1.37 -4.21
CA ARG A 95 7.65 -0.02 -4.19
C ARG A 95 6.58 1.02 -4.50
N SER A 96 6.49 2.06 -3.65
CA SER A 96 5.61 3.22 -3.91
C SER A 96 6.41 4.35 -4.51
N VAL A 97 5.82 5.02 -5.47
CA VAL A 97 6.37 6.24 -6.12
C VAL A 97 5.24 7.24 -6.30
N GLY A 98 5.58 8.53 -6.27
CA GLY A 98 4.57 9.58 -6.51
C GLY A 98 4.30 9.78 -7.98
N ILE A 99 3.11 10.25 -8.32
CA ILE A 99 2.76 10.56 -9.73
C ILE A 99 3.77 11.60 -10.25
N ALA A 100 4.37 12.42 -9.36
CA ALA A 100 5.31 13.47 -9.87
C ALA A 100 6.46 12.79 -10.63
N GLN A 101 6.83 11.57 -10.26
CA GLN A 101 7.90 10.82 -10.96
C GLN A 101 7.50 10.50 -12.40
N LEU A 102 6.21 10.30 -12.71
CA LEU A 102 5.78 9.86 -14.04
C LEU A 102 5.51 11.06 -14.95
N ILE A 103 5.52 12.28 -14.41
CA ILE A 103 5.20 13.51 -15.20
C ILE A 103 6.42 14.44 -15.22
N ASN A 104 7.58 13.90 -14.86
CA ASN A 104 8.88 14.62 -14.76
C ASN A 104 9.29 15.02 -16.18
N THR A 105 9.45 16.32 -16.43
CA THR A 105 9.73 16.82 -17.80
C THR A 105 11.20 16.61 -18.18
N ALA A 106 12.06 16.06 -17.31
CA ALA A 106 13.42 15.60 -17.72
C ALA A 106 13.29 14.42 -18.67
N TRP A 107 12.17 13.70 -18.62
CA TRP A 107 11.92 12.55 -19.50
C TRP A 107 11.07 13.01 -20.69
N ASP A 108 11.45 12.65 -21.89
CA ASP A 108 10.74 13.03 -23.11
C ASP A 108 9.27 12.58 -23.05
N ASN A 109 8.38 13.49 -23.46
CA ASN A 109 6.93 13.20 -23.55
C ASN A 109 6.62 12.59 -24.92
N THR A 110 7.13 11.38 -25.16
CA THR A 110 7.08 10.64 -26.40
C THR A 110 7.04 9.17 -26.08
N PRO A 111 6.64 8.31 -27.02
CA PRO A 111 6.67 6.88 -26.81
C PRO A 111 8.02 6.39 -26.28
N ALA A 112 9.13 6.86 -26.88
CA ALA A 112 10.47 6.42 -26.42
C ALA A 112 10.67 6.91 -25.00
N GLY A 113 10.27 8.13 -24.64
CA GLY A 113 10.44 8.67 -23.28
C GLY A 113 9.58 7.94 -22.25
N TRP A 114 8.35 7.60 -22.64
CA TRP A 114 7.47 6.80 -21.74
C TRP A 114 8.12 5.45 -21.42
N GLN A 115 8.69 4.82 -22.43
CA GLN A 115 9.37 3.54 -22.24
C GLN A 115 10.62 3.76 -21.39
N GLY A 116 11.42 4.79 -21.68
CA GLY A 116 12.63 5.10 -20.91
C GLY A 116 12.33 5.27 -19.42
N LEU A 117 11.28 6.02 -19.11
CA LEU A 117 10.87 6.32 -17.73
C LEU A 117 10.33 5.03 -17.09
N ALA A 118 9.52 4.27 -17.80
CA ALA A 118 9.03 2.97 -17.31
C ALA A 118 10.23 2.07 -16.96
N ASP A 119 11.24 2.02 -17.84
CA ASP A 119 12.44 1.19 -17.61
C ASP A 119 13.12 1.62 -16.32
N ALA A 120 13.21 2.92 -16.08
CA ALA A 120 13.87 3.44 -14.87
C ALA A 120 13.03 3.07 -13.64
N LEU A 121 11.71 3.20 -13.71
CA LEU A 121 10.82 2.79 -12.59
C LEU A 121 10.93 1.27 -12.39
N MET A 122 11.00 0.47 -13.44
CA MET A 122 11.09 -1.00 -13.26
C MET A 122 12.39 -1.39 -12.53
N LYS A 123 13.48 -0.64 -12.67
CA LYS A 123 14.72 -0.94 -11.89
C LYS A 123 14.42 -0.90 -10.39
N THR A 124 13.56 0.02 -9.94
CA THR A 124 13.21 0.12 -8.50
C THR A 124 12.47 -1.13 -8.03
N VAL A 125 11.86 -1.90 -8.95
CA VAL A 125 11.17 -3.17 -8.62
C VAL A 125 12.17 -4.33 -8.77
N ASP A 126 12.77 -4.46 -9.95
CA ASP A 126 13.59 -5.66 -10.28
C ASP A 126 14.89 -5.69 -9.45
N ASP A 127 15.51 -4.55 -9.16
CA ASP A 127 16.85 -4.54 -8.48
C ASP A 127 16.68 -4.99 -7.02
N TYR A 128 15.47 -4.99 -6.48
CA TYR A 128 15.20 -5.28 -5.05
C TYR A 128 14.38 -6.56 -4.97
N GLY A 129 14.07 -7.20 -6.09
CA GLY A 129 13.22 -8.40 -6.09
C GLY A 129 11.79 -8.19 -5.68
N LEU A 130 11.21 -7.01 -5.94
CA LEU A 130 9.88 -6.67 -5.39
C LEU A 130 8.75 -7.25 -6.27
N ASP A 131 7.56 -7.21 -5.71
CA ASP A 131 6.33 -7.79 -6.23
C ASP A 131 5.55 -6.81 -7.08
N GLY A 132 5.95 -5.56 -7.13
CA GLY A 132 5.31 -4.58 -8.04
C GLY A 132 5.58 -3.15 -7.67
N LEU A 133 4.74 -2.28 -8.21
CA LEU A 133 4.86 -0.83 -8.13
C LEU A 133 3.50 -0.25 -7.75
N ASP A 134 3.51 0.77 -6.89
CA ASP A 134 2.33 1.52 -6.43
C ASP A 134 2.56 2.98 -6.82
N ILE A 135 1.63 3.58 -7.55
CA ILE A 135 1.72 5.01 -7.93
C ILE A 135 0.68 5.80 -7.12
N ASP A 136 1.17 6.79 -6.39
CA ASP A 136 0.37 7.67 -5.52
C ASP A 136 -0.08 8.88 -6.33
N VAL A 137 -1.36 8.91 -6.64
CA VAL A 137 -1.96 9.98 -7.48
C VAL A 137 -2.76 10.92 -6.59
N GLU A 138 -2.23 12.12 -6.32
CA GLU A 138 -2.87 13.10 -5.41
C GLU A 138 -2.84 14.49 -6.01
N GLN A 139 -2.89 14.58 -7.32
CA GLN A 139 -3.03 15.88 -7.99
C GLN A 139 -3.73 15.68 -9.31
N SER A 140 -4.37 16.74 -9.82
CA SER A 140 -4.89 16.78 -11.19
C SER A 140 -3.70 16.96 -12.14
N LEU A 141 -3.93 16.62 -13.41
CA LEU A 141 -2.90 16.66 -14.47
C LEU A 141 -3.40 17.53 -15.61
N ASN A 142 -2.52 18.37 -16.15
CA ASN A 142 -2.83 19.08 -17.43
C ASN A 142 -2.73 18.09 -18.59
N ALA A 143 -3.07 18.51 -19.81
CA ALA A 143 -3.18 17.63 -20.97
C ALA A 143 -1.81 16.93 -21.16
N ASN A 144 -0.70 17.69 -21.06
CA ASN A 144 0.64 17.07 -21.40
C ASN A 144 1.05 16.07 -20.31
N GLN A 145 0.78 16.41 -19.06
CA GLN A 145 1.04 15.54 -17.88
C GLN A 145 0.20 14.27 -17.99
N LEU A 146 -1.08 14.39 -18.36
CA LEU A 146 -1.95 13.21 -18.54
C LEU A 146 -1.42 12.29 -19.63
N LYS A 147 -1.00 12.86 -20.76
CA LYS A 147 -0.42 12.07 -21.85
C LYS A 147 0.83 11.32 -21.37
N GLN A 148 1.72 11.97 -20.64
CA GLN A 148 3.00 11.36 -20.19
C GLN A 148 2.66 10.25 -19.17
N ALA A 149 1.86 10.57 -18.16
CA ALA A 149 1.53 9.52 -17.14
C ALA A 149 0.84 8.31 -17.77
N THR A 150 -0.12 8.54 -18.69
CA THR A 150 -0.83 7.45 -19.37
C THR A 150 0.19 6.60 -20.15
N GLY A 151 1.08 7.26 -20.91
CA GLY A 151 2.13 6.52 -21.62
C GLY A 151 2.98 5.63 -20.72
N VAL A 152 3.36 6.15 -19.57
CA VAL A 152 4.25 5.40 -18.63
C VAL A 152 3.45 4.24 -18.06
N PHE A 153 2.21 4.46 -17.63
CA PHE A 153 1.38 3.31 -17.16
C PHE A 153 1.29 2.23 -18.25
N ASN A 154 1.05 2.62 -19.50
CA ASN A 154 0.88 1.63 -20.58
C ASN A 154 2.19 0.87 -20.81
N ALA A 155 3.35 1.53 -20.68
CA ALA A 155 4.67 0.84 -20.78
C ALA A 155 4.87 -0.11 -19.59
N LEU A 156 4.53 0.33 -18.39
CA LEU A 156 4.65 -0.49 -17.15
C LEU A 156 3.78 -1.74 -17.29
N ALA A 157 2.64 -1.63 -17.97
CA ALA A 157 1.67 -2.72 -18.04
C ALA A 157 2.23 -3.87 -18.86
N LYS A 158 3.34 -3.71 -19.60
CA LYS A 158 3.99 -4.87 -20.25
C LYS A 158 4.65 -5.76 -19.20
N LYS A 159 4.99 -5.23 -18.04
CA LYS A 159 5.76 -5.97 -17.02
C LYS A 159 5.00 -6.18 -15.70
N LEU A 160 3.98 -5.38 -15.45
CA LEU A 160 3.23 -5.39 -14.18
C LEU A 160 1.76 -5.39 -14.49
N GLY A 161 0.99 -5.98 -13.59
CA GLY A 161 -0.45 -5.80 -13.56
C GLY A 161 -1.18 -6.76 -14.49
N PRO A 162 -2.49 -6.62 -14.59
CA PRO A 162 -3.34 -7.59 -15.28
C PRO A 162 -3.02 -7.78 -16.78
N LYS A 163 -2.43 -6.81 -17.47
CA LYS A 163 -2.08 -6.99 -18.91
C LYS A 163 -0.81 -7.82 -19.08
N SER A 164 0.00 -7.97 -18.02
CA SER A 164 1.39 -8.48 -18.14
C SER A 164 1.45 -9.99 -18.10
N GLY A 165 0.60 -10.63 -17.33
CA GLY A 165 0.67 -12.09 -17.12
C GLY A 165 1.86 -12.50 -16.27
N THR A 166 2.48 -11.57 -15.55
CA THR A 166 3.69 -11.88 -14.75
C THR A 166 3.30 -12.25 -13.31
N GLY A 167 2.10 -11.93 -12.86
CA GLY A 167 1.71 -12.07 -11.44
C GLY A 167 2.15 -10.88 -10.59
N LYS A 168 2.94 -9.97 -11.12
CA LYS A 168 3.37 -8.76 -10.38
C LYS A 168 2.29 -7.69 -10.40
N LEU A 169 2.32 -6.83 -9.38
CA LEU A 169 1.24 -5.86 -9.16
C LEU A 169 1.55 -4.49 -9.76
N LEU A 170 0.51 -3.84 -10.23
CA LEU A 170 0.52 -2.42 -10.59
C LEU A 170 -0.64 -1.77 -9.84
N ILE A 171 -0.33 -0.89 -8.87
CA ILE A 171 -1.33 -0.40 -7.93
C ILE A 171 -1.51 1.09 -8.14
N PHE A 172 -2.76 1.53 -8.10
CA PHE A 172 -3.14 2.96 -8.22
C PHE A 172 -3.64 3.38 -6.84
N ASP A 173 -2.89 4.23 -6.10
CA ASP A 173 -3.39 4.71 -4.79
C ASP A 173 -3.66 6.21 -4.91
N THR A 174 -4.77 6.67 -4.37
CA THR A 174 -5.25 8.01 -4.74
C THR A 174 -6.09 8.61 -3.60
N ASN A 175 -6.12 9.93 -3.54
CA ASN A 175 -7.09 10.62 -2.68
C ASN A 175 -8.18 11.26 -3.49
N MET A 176 -8.31 10.94 -4.80
CA MET A 176 -9.37 11.49 -5.67
C MET A 176 -10.28 10.33 -6.13
N ASP A 177 -11.26 10.59 -6.98
CA ASP A 177 -12.28 9.56 -7.29
C ASP A 177 -12.12 9.06 -8.73
N GLY A 178 -13.05 8.22 -9.12
CA GLY A 178 -13.00 7.50 -10.39
C GLY A 178 -13.27 8.38 -11.60
N THR A 179 -13.56 9.67 -11.43
CA THR A 179 -13.73 10.60 -12.54
C THR A 179 -12.38 11.15 -12.98
N GLN A 180 -11.30 10.95 -12.24
CA GLN A 180 -9.98 11.49 -12.58
CA GLN A 180 -10.03 11.58 -12.62
C GLN A 180 -9.65 11.05 -14.00
N PRO A 181 -9.24 11.95 -14.91
CA PRO A 181 -8.82 11.54 -16.26
C PRO A 181 -7.77 10.45 -16.30
N LEU A 182 -6.76 10.51 -15.43
CA LEU A 182 -5.74 9.47 -15.43
C LEU A 182 -6.39 8.10 -15.18
N TRP A 183 -7.27 7.99 -14.18
CA TRP A 183 -7.94 6.70 -13.86
C TRP A 183 -8.69 6.21 -15.11
N ARG A 184 -9.39 7.11 -15.79
CA ARG A 184 -10.18 6.74 -16.98
C ARG A 184 -9.25 6.21 -18.10
N ASN A 185 -8.01 6.63 -18.10
CA ASN A 185 -7.01 6.24 -19.14
C ASN A 185 -6.30 4.95 -18.76
N VAL A 186 -6.13 4.60 -17.49
CA VAL A 186 -5.21 3.51 -17.09
C VAL A 186 -5.89 2.37 -16.34
N TYR A 187 -7.18 2.43 -16.05
CA TYR A 187 -7.88 1.38 -15.26
C TYR A 187 -7.65 -0.03 -15.82
N PRO A 188 -7.52 -0.29 -17.15
CA PRO A 188 -7.26 -1.65 -17.61
C PRO A 188 -5.89 -2.23 -17.23
N THR A 189 -4.97 -1.39 -16.73
CA THR A 189 -3.61 -1.83 -16.33
C THR A 189 -3.49 -2.15 -14.85
N ILE A 190 -4.56 -1.96 -14.07
CA ILE A 190 -4.44 -1.88 -12.59
C ILE A 190 -4.81 -3.20 -11.90
N SER A 191 -4.00 -3.60 -10.93
CA SER A 191 -4.23 -4.73 -10.00
C SER A 191 -5.21 -4.37 -8.89
N TYR A 192 -4.84 -3.39 -8.10
CA TYR A 192 -5.64 -2.89 -6.96
C TYR A 192 -5.71 -1.37 -7.05
N VAL A 193 -6.84 -0.84 -6.59
CA VAL A 193 -7.03 0.63 -6.44
C VAL A 193 -7.24 0.89 -4.95
N LEU A 194 -6.42 1.81 -4.42
CA LEU A 194 -6.34 2.09 -2.95
C LEU A 194 -6.79 3.51 -2.74
N ILE A 195 -7.88 3.70 -1.99
CA ILE A 195 -8.43 5.04 -1.75
C ILE A 195 -8.01 5.52 -0.35
N GLN A 196 -7.13 6.54 -0.33
CA GLN A 196 -6.70 7.25 0.89
C GLN A 196 -7.96 7.93 1.44
N SER A 197 -8.44 7.44 2.57
CA SER A 197 -9.75 7.86 3.13
C SER A 197 -9.56 8.47 4.52
N TYR A 198 -8.39 9.07 4.74
CA TYR A 198 -8.01 9.57 6.09
C TYR A 198 -9.03 10.63 6.55
N GLY A 199 -9.52 10.45 7.78
CA GLY A 199 -10.43 11.42 8.41
C GLY A 199 -11.83 11.51 7.79
N ARG A 200 -12.22 10.60 6.90
CA ARG A 200 -13.47 10.77 6.12
C ARG A 200 -14.66 10.16 6.83
N SER A 201 -15.84 10.59 6.35
CA SER A 201 -17.15 10.12 6.86
C SER A 201 -17.38 8.67 6.45
N ILE A 202 -17.83 7.80 7.35
CA ILE A 202 -18.23 6.42 6.94
C ILE A 202 -19.40 6.51 5.96
N SER A 203 -20.27 7.54 6.08
CA SER A 203 -21.46 7.70 5.21
C SER A 203 -21.10 8.11 3.79
N GLY A 204 -19.87 8.53 3.55
CA GLY A 204 -19.40 8.98 2.22
C GLY A 204 -18.66 7.87 1.42
N LEU A 205 -18.47 6.68 2.00
CA LEU A 205 -17.63 5.62 1.39
C LEU A 205 -18.31 5.04 0.14
N GLN A 206 -19.63 4.81 0.20
CA GLN A 206 -20.33 4.22 -0.96
C GLN A 206 -20.24 5.15 -2.16
N THR A 207 -20.36 6.47 -2.00
CA THR A 207 -20.24 7.45 -3.09
C THR A 207 -18.90 7.26 -3.82
N THR A 208 -17.82 7.23 -3.06
CA THR A 208 -16.48 7.10 -3.65
C THR A 208 -16.37 5.75 -4.38
N TYR A 209 -16.80 4.68 -3.75
CA TYR A 209 -16.71 3.34 -4.35
C TYR A 209 -17.49 3.33 -5.66
N ASN A 210 -18.68 3.94 -5.65
CA ASN A 210 -19.56 3.97 -6.83
C ASN A 210 -18.87 4.68 -8.00
N SER A 211 -17.96 5.64 -7.75
CA SER A 211 -17.21 6.35 -8.79
C SER A 211 -16.18 5.43 -9.45
N PHE A 212 -15.81 4.32 -8.83
CA PHE A 212 -14.80 3.37 -9.38
C PHE A 212 -15.44 2.08 -9.86
N LYS A 213 -16.63 1.71 -9.36
CA LYS A 213 -17.08 0.31 -9.45
C LYS A 213 -17.32 -0.17 -10.89
N SER A 214 -17.58 0.71 -11.83
CA SER A 214 -17.76 0.30 -13.24
C SER A 214 -16.43 -0.16 -13.87
N TYR A 215 -15.32 0.14 -13.23
CA TYR A 215 -13.97 0.03 -13.82
C TYR A 215 -13.17 -1.09 -13.19
N ILE A 216 -13.73 -1.81 -12.21
CA ILE A 216 -13.01 -2.83 -11.43
C ILE A 216 -14.01 -3.91 -11.03
N SER A 217 -13.53 -4.97 -10.42
CA SER A 217 -14.36 -5.79 -9.53
C SER A 217 -14.15 -5.30 -8.10
N SER A 218 -15.05 -5.70 -7.21
CA SER A 218 -15.03 -5.14 -5.85
C SER A 218 -13.78 -5.59 -5.08
N LYS A 219 -13.23 -6.78 -5.36
CA LYS A 219 -12.06 -7.33 -4.66
C LYS A 219 -10.77 -6.56 -4.99
N GLN A 220 -10.79 -5.67 -5.97
CA GLN A 220 -9.63 -4.83 -6.28
C GLN A 220 -9.60 -3.58 -5.40
N TYR A 221 -10.65 -3.33 -4.63
CA TYR A 221 -10.88 -1.99 -4.02
C TYR A 221 -10.53 -2.03 -2.53
N LEU A 222 -9.58 -1.18 -2.13
CA LEU A 222 -9.16 -1.09 -0.70
C LEU A 222 -9.36 0.34 -0.24
N ILE A 223 -9.78 0.50 1.02
CA ILE A 223 -9.88 1.86 1.61
C ILE A 223 -8.81 1.98 2.71
N GLY A 224 -8.27 3.20 2.86
CA GLY A 224 -7.14 3.37 3.81
C GLY A 224 -7.43 4.39 4.92
N PHE A 225 -6.90 4.07 6.08
CA PHE A 225 -6.84 4.98 7.25
C PHE A 225 -5.36 5.26 7.49
N SER A 226 -5.09 6.24 8.35
CA SER A 226 -3.72 6.61 8.73
C SER A 226 -3.52 6.37 10.23
N PHE A 227 -2.40 5.80 10.60
CA PHE A 227 -1.89 5.87 12.00
C PHE A 227 -1.43 7.31 12.27
N TYR A 228 -1.18 7.61 13.53
CA TYR A 228 -0.71 8.95 13.92
C TYR A 228 0.78 9.09 13.65
N GLU A 229 1.11 9.91 12.67
CA GLU A 229 2.49 10.26 12.35
C GLU A 229 3.00 11.26 13.42
N GLU A 230 4.21 11.01 13.91
CA GLU A 230 4.91 12.03 14.77
C GLU A 230 4.87 13.37 14.08
N ASN A 231 4.43 14.39 14.82
CA ASN A 231 4.40 15.78 14.34
C ASN A 231 3.46 15.92 13.13
N GLY A 232 2.53 14.99 12.94
CA GLY A 232 1.76 14.98 11.68
C GLY A 232 0.34 15.48 11.82
N THR A 233 -0.44 15.30 10.75
CA THR A 233 -1.87 15.63 10.73
C THR A 233 -2.64 14.79 11.78
N ASN A 234 -3.59 15.39 12.48
CA ASN A 234 -4.42 14.65 13.45
C ASN A 234 -5.65 14.19 12.68
N TRP A 235 -5.55 13.08 11.96
CA TRP A 235 -6.72 12.58 11.17
C TRP A 235 -7.76 11.97 12.13
N GLY A 236 -7.30 11.38 13.23
CA GLY A 236 -8.16 10.79 14.26
C GLY A 236 -8.79 9.50 13.78
N ASP A 237 -8.08 8.73 12.95
CA ASP A 237 -8.59 7.42 12.44
C ASP A 237 -8.41 6.28 13.45
N THR A 238 -7.58 6.46 14.50
CA THR A 238 -7.18 5.40 15.44
C THR A 238 -7.48 5.87 16.89
N THR A 239 -8.57 6.59 17.09
CA THR A 239 -9.11 6.94 18.45
C THR A 239 -9.35 5.67 19.25
N THR A 240 -9.25 5.77 20.59
CA THR A 240 -9.74 4.69 21.51
C THR A 240 -11.16 5.04 21.96
N PRO A 241 -12.03 4.01 22.15
CA PRO A 241 -11.65 2.60 22.00
C PRO A 241 -11.57 2.12 20.53
N MET A 242 -10.71 1.16 20.29
CA MET A 242 -10.40 0.61 18.94
C MET A 242 -11.70 0.22 18.20
N THR A 243 -12.65 -0.46 18.85
CA THR A 243 -13.83 -1.03 18.14
C THR A 243 -14.78 0.08 17.73
N SER A 244 -14.56 1.32 18.16
CA SER A 244 -15.31 2.51 17.71
C SER A 244 -14.50 3.38 16.72
N SER A 245 -13.26 3.06 16.50
CA SER A 245 -12.37 3.87 15.62
C SER A 245 -12.87 3.89 14.17
N ARG A 246 -12.40 4.88 13.43
CA ARG A 246 -12.63 4.91 11.96
C ARG A 246 -11.98 3.68 11.35
N ALA A 247 -10.79 3.28 11.77
CA ALA A 247 -10.06 2.13 11.21
C ALA A 247 -10.92 0.88 11.34
N TRP A 248 -11.55 0.71 12.52
CA TRP A 248 -12.41 -0.47 12.74
C TRP A 248 -13.62 -0.44 11.84
N GLN A 249 -14.24 0.71 11.67
CA GLN A 249 -15.47 0.87 10.87
C GLN A 249 -15.08 0.61 9.40
N TYR A 250 -13.86 1.00 9.01
CA TYR A 250 -13.37 0.65 7.65
C TYR A 250 -13.22 -0.86 7.50
N ALA A 251 -12.64 -1.58 8.45
CA ALA A 251 -12.47 -3.04 8.43
C ALA A 251 -13.86 -3.66 8.21
N LYS A 252 -14.90 -3.19 8.91
CA LYS A 252 -16.28 -3.75 8.80
C LYS A 252 -17.07 -3.26 7.60
N TRP A 253 -16.77 -2.10 7.01
CA TRP A 253 -17.61 -1.51 5.95
C TRP A 253 -17.61 -2.43 4.69
N GLN A 254 -18.76 -2.54 4.03
CA GLN A 254 -18.87 -3.22 2.71
C GLN A 254 -19.74 -2.37 1.84
N PRO A 255 -19.40 -2.28 0.54
CA PRO A 255 -20.27 -1.63 -0.42
C PRO A 255 -21.56 -2.47 -0.55
N SER A 256 -22.67 -1.84 -0.85
CA SER A 256 -23.97 -2.56 -0.91
C SER A 256 -23.88 -3.70 -1.94
N GLY A 257 -24.17 -4.92 -1.50
CA GLY A 257 -24.27 -6.13 -2.33
C GLY A 257 -22.94 -6.63 -2.86
N ALA A 258 -21.79 -6.24 -2.29
CA ALA A 258 -20.46 -6.70 -2.74
C ALA A 258 -19.50 -6.69 -1.57
N THR A 259 -18.35 -7.32 -1.76
CA THR A 259 -17.29 -7.47 -0.76
C THR A 259 -16.08 -6.71 -1.26
N LYS A 260 -15.60 -5.75 -0.49
CA LYS A 260 -14.36 -5.04 -0.88
C LYS A 260 -13.14 -5.95 -0.80
N GLY A 261 -12.01 -5.45 -1.34
CA GLY A 261 -10.76 -6.19 -1.32
C GLY A 261 -10.10 -6.17 0.04
N GLY A 262 -10.22 -5.08 0.79
CA GLY A 262 -9.68 -4.99 2.15
C GLY A 262 -9.40 -3.54 2.49
N ILE A 263 -8.42 -3.35 3.36
CA ILE A 263 -8.04 -2.00 3.86
C ILE A 263 -6.52 -1.89 3.88
N PHE A 264 -6.06 -0.64 4.00
CA PHE A 264 -4.62 -0.40 4.20
C PHE A 264 -4.45 0.68 5.26
N SER A 265 -3.27 0.69 5.85
CA SER A 265 -2.83 1.80 6.74
C SER A 265 -1.72 2.59 6.06
N TYR A 266 -1.75 3.89 6.30
CA TYR A 266 -0.60 4.79 6.09
C TYR A 266 0.23 4.79 7.40
N ALA A 267 1.55 4.80 7.28
CA ALA A 267 2.49 4.80 8.43
C ALA A 267 2.20 3.60 9.35
N ILE A 268 2.26 2.40 8.80
CA ILE A 268 2.07 1.17 9.60
C ILE A 268 3.18 1.06 10.65
N ASP A 269 4.32 1.71 10.43
CA ASP A 269 5.45 1.76 11.41
C ASP A 269 4.99 2.45 12.71
N ARG A 270 3.84 3.12 12.71
CA ARG A 270 3.28 3.86 13.88
C ARG A 270 2.13 3.12 14.57
N ASP A 271 1.88 1.87 14.21
CA ASP A 271 0.74 1.09 14.73
C ASP A 271 0.76 1.15 16.28
N GLY A 272 -0.33 1.67 16.86
CA GLY A 272 -0.60 1.66 18.33
C GLY A 272 0.02 2.83 19.07
N VAL A 273 0.71 3.73 18.37
CA VAL A 273 1.18 4.99 19.03
C VAL A 273 -0.02 5.89 19.28
N ALA A 274 -0.13 6.41 20.51
CA ALA A 274 -1.23 7.31 20.91
C ALA A 274 -1.21 8.56 20.06
N ILE A 275 -2.38 9.10 19.81
CA ILE A 275 -2.52 10.38 19.08
C ILE A 275 -1.89 11.48 19.90
N GLY A 276 -0.96 12.22 19.30
CA GLY A 276 -0.26 13.33 19.96
C GLY A 276 1.07 12.91 20.56
N ASP A 277 1.41 11.65 20.58
CA ASP A 277 2.71 11.17 21.09
C ASP A 277 3.75 11.33 19.97
N ASN A 278 4.63 12.34 20.04
CA ASN A 278 5.55 12.66 18.91
C ASN A 278 6.90 11.98 19.08
N THR A 279 7.05 11.06 20.02
CA THR A 279 8.28 10.24 20.14
C THR A 279 8.11 8.98 19.27
N LEU A 280 9.22 8.37 18.93
CA LEU A 280 9.21 7.09 18.19
C LEU A 280 9.19 5.97 19.21
N LYS A 281 8.50 4.87 18.87
CA LYS A 281 8.26 3.71 19.76
C LYS A 281 8.33 2.42 18.94
N THR A 282 8.70 1.32 19.59
CA THR A 282 8.54 -0.05 19.04
C THR A 282 7.06 -0.31 18.88
N THR A 283 6.72 -1.29 18.05
CA THR A 283 5.32 -1.71 17.89
C THR A 283 5.26 -3.23 17.78
N ASP A 284 4.15 -3.77 18.26
CA ASP A 284 3.83 -5.21 18.10
C ASP A 284 2.67 -5.37 17.11
N PHE A 285 2.28 -4.28 16.43
CA PHE A 285 1.25 -4.31 15.36
C PHE A 285 -0.08 -4.86 15.88
N THR A 286 -0.45 -4.47 17.10
CA THR A 286 -1.76 -4.87 17.67
C THR A 286 -2.91 -4.39 16.78
N TRP A 287 -2.89 -3.14 16.31
CA TRP A 287 -3.99 -2.62 15.49
C TRP A 287 -4.09 -3.46 14.21
N THR A 288 -2.97 -3.62 13.52
CA THR A 288 -2.94 -4.32 12.22
C THR A 288 -3.52 -5.73 12.40
N ARG A 289 -3.02 -6.44 13.41
CA ARG A 289 -3.46 -7.83 13.67
C ARG A 289 -4.94 -7.87 14.03
N GLN A 290 -5.41 -6.97 14.88
CA GLN A 290 -6.85 -6.96 15.30
C GLN A 290 -7.77 -6.64 14.13
N LEU A 291 -7.32 -5.75 13.25
CA LEU A 291 -8.09 -5.32 12.08
C LEU A 291 -8.18 -6.44 11.04
N ILE A 292 -7.14 -7.24 10.89
CA ILE A 292 -7.17 -8.47 10.04
C ILE A 292 -8.24 -9.39 10.63
N GLY A 293 -8.28 -9.59 11.96
CA GLY A 293 -9.36 -10.40 12.54
C GLY A 293 -10.74 -9.78 12.38
N ALA A 294 -10.86 -8.46 12.41
CA ALA A 294 -12.16 -7.80 12.22
C ALA A 294 -12.71 -8.10 10.82
N MET A 295 -11.83 -8.19 9.83
CA MET A 295 -12.22 -8.39 8.40
C MET A 295 -12.46 -9.88 8.13
N ASN A 296 -11.84 -10.76 8.86
CA ASN A 296 -11.81 -12.21 8.53
C ASN A 296 -12.19 -13.03 9.77
N PRO A 297 -13.43 -12.87 10.27
CA PRO A 297 -13.85 -13.52 11.52
C PRO A 297 -14.38 -14.95 11.37
#